data_7KUC
#
_entry.id   7KUC
#
_entity_poly.entity_id   1
_entity_poly.type   'polyribonucleotide'
_entity_poly.pdbx_seq_one_letter_code
;GGAGGAAGGAGCCUCC
;
_entity_poly.pdbx_strand_id   A
#
loop_
_chem_comp.id
_chem_comp.type
_chem_comp.name
_chem_comp.formula
A RNA linking ADENOSINE-5'-MONOPHOSPHATE 'C10 H14 N5 O7 P'
C RNA linking CYTIDINE-5'-MONOPHOSPHATE 'C9 H14 N3 O8 P'
G RNA linking GUANOSINE-5'-MONOPHOSPHATE 'C10 H14 N5 O8 P'
U RNA linking URIDINE-5'-MONOPHOSPHATE 'C9 H13 N2 O9 P'
#